data_3KAN
#
_entry.id   3KAN
#
_cell.length_a   83.286
_cell.length_b   83.286
_cell.length_c   40.303
_cell.angle_alpha   90.00
_cell.angle_beta   90.00
_cell.angle_gamma   120.00
#
_symmetry.space_group_name_H-M   'P 3'
#
loop_
_entity.id
_entity.type
_entity.pdbx_description
1 polymer 'D-dopachrome tautomerase'
2 non-polymer 4-phenylpyrimidine
3 non-polymer 'CHLORIDE ION'
4 water water
#
_entity_poly.entity_id   1
_entity_poly.type   'polypeptide(L)'
_entity_poly.pdbx_seq_one_letter_code
;PFLELDTNLPANRVPAGLEKRLCAAAASILGKPADRVNVTVRPGLAMALSGSTEPCAQLSISSIGVVGTAEDNRSHSAHF
FEFLTKELALGQDRILIRFFPLESWQIGKIGTVMTFL
;
_entity_poly.pdbx_strand_id   A,B,C
#
# COMPACT_ATOMS: atom_id res chain seq x y z
N PRO A 1 -2.89 21.01 -9.21
CA PRO A 1 -3.23 19.98 -10.17
C PRO A 1 -4.73 19.90 -10.40
N PHE A 2 -5.10 19.25 -11.49
CA PHE A 2 -6.48 19.06 -11.90
C PHE A 2 -6.80 17.56 -11.80
N LEU A 3 -7.72 17.22 -10.92
CA LEU A 3 -8.17 15.84 -10.76
C LEU A 3 -9.62 15.76 -11.21
N GLU A 4 -9.90 14.79 -12.06
CA GLU A 4 -11.25 14.57 -12.58
CA GLU A 4 -11.27 14.56 -12.56
C GLU A 4 -11.61 13.10 -12.35
N LEU A 5 -12.76 12.87 -11.71
CA LEU A 5 -13.19 11.54 -11.34
C LEU A 5 -14.57 11.28 -11.93
N ASP A 6 -14.65 10.36 -12.89
CA ASP A 6 -15.91 9.89 -13.45
C ASP A 6 -16.30 8.60 -12.73
N THR A 7 -17.57 8.47 -12.35
CA THR A 7 -18.02 7.22 -11.74
C THR A 7 -19.45 6.92 -12.12
N ASN A 8 -19.75 5.62 -12.20
CA ASN A 8 -21.11 5.15 -12.33
C ASN A 8 -21.78 4.91 -10.97
N LEU A 9 -21.08 5.17 -9.88
CA LEU A 9 -21.76 5.27 -8.62
C LEU A 9 -22.69 6.47 -8.71
N PRO A 10 -23.96 6.32 -8.30
CA PRO A 10 -24.82 7.49 -8.18
C PRO A 10 -24.27 8.45 -7.16
N ALA A 11 -24.67 9.70 -7.25
CA ALA A 11 -24.21 10.70 -6.30
C ALA A 11 -24.43 10.27 -4.85
N ASN A 12 -25.53 9.57 -4.58
CA ASN A 12 -25.81 9.16 -3.21
C ASN A 12 -25.01 7.97 -2.74
N ARG A 13 -24.09 7.46 -3.57
CA ARG A 13 -23.12 6.44 -3.16
C ARG A 13 -21.69 6.97 -3.24
N VAL A 14 -21.53 8.27 -3.41
CA VAL A 14 -20.23 8.92 -3.32
C VAL A 14 -20.25 9.68 -1.99
N PRO A 15 -19.32 9.36 -1.07
CA PRO A 15 -19.41 9.92 0.27
C PRO A 15 -19.37 11.44 0.29
N ALA A 16 -20.22 12.04 1.11
CA ALA A 16 -20.24 13.49 1.28
C ALA A 16 -18.83 13.98 1.61
N GLY A 17 -18.40 15.07 1.00
CA GLY A 17 -17.11 15.67 1.28
C GLY A 17 -15.93 15.07 0.54
N LEU A 18 -16.18 14.14 -0.38
CA LEU A 18 -15.10 13.49 -1.09
CA LEU A 18 -15.08 13.49 -1.08
C LEU A 18 -14.20 14.49 -1.79
N GLU A 19 -14.79 15.46 -2.46
CA GLU A 19 -13.97 16.35 -3.26
C GLU A 19 -12.93 17.11 -2.38
N LYS A 20 -13.30 17.53 -1.18
CA LYS A 20 -12.34 18.18 -0.30
C LYS A 20 -11.31 17.20 0.26
N ARG A 21 -11.72 15.98 0.59
CA ARG A 21 -10.75 15.00 1.05
C ARG A 21 -9.78 14.62 -0.06
N LEU A 22 -10.24 14.62 -1.30
CA LEU A 22 -9.36 14.32 -2.41
C LEU A 22 -8.35 15.46 -2.64
N CYS A 23 -8.74 16.70 -2.36
CA CYS A 23 -7.78 17.82 -2.39
CA CYS A 23 -7.83 17.83 -2.37
C CYS A 23 -6.66 17.59 -1.40
N ALA A 24 -7.00 17.22 -0.17
CA ALA A 24 -6.00 16.99 0.85
C ALA A 24 -5.12 15.81 0.49
N ALA A 25 -5.71 14.74 -0.03
CA ALA A 25 -4.94 13.57 -0.38
C ALA A 25 -3.97 13.89 -1.53
N ALA A 26 -4.47 14.55 -2.55
CA ALA A 26 -3.65 14.89 -3.71
C ALA A 26 -2.49 15.80 -3.32
N ALA A 27 -2.75 16.73 -2.41
CA ALA A 27 -1.70 17.64 -1.93
C ALA A 27 -0.53 16.83 -1.37
N SER A 28 -0.85 15.87 -0.52
CA SER A 28 0.17 15.03 0.11
C SER A 28 0.88 14.14 -0.89
N ILE A 29 0.12 13.53 -1.79
CA ILE A 29 0.68 12.58 -2.74
C ILE A 29 1.61 13.28 -3.74
N LEU A 30 1.13 14.39 -4.29
CA LEU A 30 1.76 15.07 -5.41
C LEU A 30 2.73 16.16 -4.98
N GLY A 31 2.77 16.49 -3.70
CA GLY A 31 3.65 17.55 -3.21
C GLY A 31 3.21 18.91 -3.71
N LYS A 32 1.93 19.20 -3.56
CA LYS A 32 1.33 20.45 -4.02
C LYS A 32 0.53 21.04 -2.88
N PRO A 33 0.32 22.36 -2.88
CA PRO A 33 -0.49 22.95 -1.81
C PRO A 33 -1.95 22.56 -1.92
N ALA A 34 -2.56 22.14 -0.82
CA ALA A 34 -3.96 21.72 -0.85
C ALA A 34 -4.87 22.82 -1.40
N ASP A 35 -4.52 24.08 -1.14
CA ASP A 35 -5.35 25.18 -1.61
C ASP A 35 -5.17 25.48 -3.09
N ARG A 36 -4.31 24.74 -3.79
CA ARG A 36 -4.21 24.85 -5.23
C ARG A 36 -4.79 23.64 -5.96
N VAL A 37 -5.26 22.63 -5.24
CA VAL A 37 -5.77 21.43 -5.89
C VAL A 37 -7.18 21.64 -6.39
N ASN A 38 -7.46 21.10 -7.56
CA ASN A 38 -8.75 21.16 -8.19
C ASN A 38 -9.28 19.75 -8.33
N VAL A 39 -10.55 19.53 -7.97
CA VAL A 39 -11.20 18.24 -8.10
C VAL A 39 -12.56 18.42 -8.75
N THR A 40 -12.86 17.57 -9.71
CA THR A 40 -14.16 17.51 -10.35
C THR A 40 -14.62 16.06 -10.26
N VAL A 41 -15.80 15.84 -9.68
CA VAL A 41 -16.41 14.53 -9.59
C VAL A 41 -17.70 14.55 -10.42
N ARG A 42 -17.82 13.57 -11.31
CA ARG A 42 -18.97 13.40 -12.20
C ARG A 42 -19.58 12.04 -11.92
N PRO A 43 -20.59 12.00 -11.04
CA PRO A 43 -21.21 10.72 -10.67
C PRO A 43 -22.42 10.38 -11.54
N GLY A 44 -22.96 9.20 -11.34
CA GLY A 44 -24.17 8.78 -12.01
C GLY A 44 -24.03 8.52 -13.50
N LEU A 45 -22.81 8.32 -13.98
CA LEU A 45 -22.56 8.08 -15.39
C LEU A 45 -22.83 6.63 -15.76
N ALA A 46 -22.87 6.36 -17.06
CA ALA A 46 -22.97 4.99 -17.55
C ALA A 46 -21.59 4.56 -17.97
N MET A 47 -21.03 3.58 -17.26
CA MET A 47 -19.64 3.21 -17.48
C MET A 47 -19.47 1.71 -17.55
N ALA A 48 -18.51 1.32 -18.38
CA ALA A 48 -17.89 0.00 -18.33
C ALA A 48 -16.38 0.24 -18.10
N LEU A 49 -15.81 -0.54 -17.21
CA LEU A 49 -14.38 -0.49 -16.96
C LEU A 49 -13.94 -1.91 -17.13
N SER A 50 -12.96 -2.11 -18.00
CA SER A 50 -12.48 -3.44 -18.38
C SER A 50 -13.67 -4.35 -18.73
N GLY A 51 -14.56 -3.80 -19.57
CA GLY A 51 -15.70 -4.52 -20.10
C GLY A 51 -16.89 -4.73 -19.20
N SER A 52 -16.80 -4.31 -17.94
CA SER A 52 -17.82 -4.58 -16.94
C SER A 52 -18.52 -3.30 -16.46
N THR A 53 -19.85 -3.35 -16.31
CA THR A 53 -20.62 -2.19 -15.83
C THR A 53 -20.86 -2.17 -14.32
N GLU A 54 -20.20 -3.05 -13.58
CA GLU A 54 -20.24 -2.96 -12.13
C GLU A 54 -19.66 -1.60 -11.69
N PRO A 55 -19.94 -1.18 -10.45
CA PRO A 55 -19.40 0.10 -9.99
C PRO A 55 -17.90 0.21 -10.24
N CYS A 56 -17.50 1.39 -10.70
CA CYS A 56 -16.13 1.68 -11.07
C CYS A 56 -15.89 3.18 -11.05
N ALA A 57 -14.63 3.57 -11.21
CA ALA A 57 -14.27 4.98 -11.31
C ALA A 57 -13.02 5.14 -12.17
N GLN A 58 -12.99 6.29 -12.86
CA GLN A 58 -11.87 6.69 -13.71
C GLN A 58 -11.34 8.03 -13.21
N LEU A 59 -10.08 8.07 -12.79
CA LEU A 59 -9.44 9.30 -12.33
C LEU A 59 -8.46 9.79 -13.38
N SER A 60 -8.47 11.08 -13.64
CA SER A 60 -7.46 11.74 -14.45
C SER A 60 -6.76 12.78 -13.60
N ILE A 61 -5.44 12.85 -13.72
CA ILE A 61 -4.61 13.77 -12.94
C ILE A 61 -3.73 14.53 -13.92
N SER A 62 -3.87 15.85 -13.95
CA SER A 62 -3.10 16.70 -14.83
C SER A 62 -2.34 17.69 -13.98
N SER A 63 -1.04 17.80 -14.18
CA SER A 63 -0.24 18.58 -13.27
C SER A 63 1.08 19.00 -13.93
N ILE A 64 1.61 20.12 -13.49
CA ILE A 64 2.93 20.58 -13.87
C ILE A 64 4.01 19.79 -13.11
N GLY A 65 4.98 19.28 -13.84
CA GLY A 65 6.23 18.81 -13.26
C GLY A 65 6.25 17.41 -12.69
N VAL A 66 5.18 16.95 -12.05
CA VAL A 66 5.27 15.82 -11.14
C VAL A 66 4.60 14.54 -11.64
N VAL A 67 3.93 14.55 -12.81
CA VAL A 67 3.25 13.36 -13.31
C VAL A 67 3.79 12.90 -14.67
N GLY A 68 5.08 13.15 -14.90
CA GLY A 68 5.70 12.86 -16.18
C GLY A 68 6.57 11.63 -16.29
N THR A 69 6.80 10.93 -15.18
CA THR A 69 7.68 9.76 -15.19
C THR A 69 6.95 8.52 -14.72
N ALA A 70 7.40 7.37 -15.18
CA ALA A 70 6.84 6.12 -14.72
C ALA A 70 7.09 5.90 -13.25
N GLU A 71 8.29 6.21 -12.78
CA GLU A 71 8.66 5.88 -11.41
C GLU A 71 7.85 6.69 -10.42
N ASP A 72 7.67 7.97 -10.68
CA ASP A 72 6.84 8.91 -9.89
CA ASP A 72 6.89 8.67 -9.69
C ASP A 72 5.38 8.47 -9.93
N ASN A 73 4.93 8.20 -11.15
CA ASN A 73 3.52 7.89 -11.33
C ASN A 73 3.16 6.56 -10.68
N ARG A 74 4.09 5.61 -10.64
CA ARG A 74 3.90 4.39 -9.88
CA ARG A 74 3.83 4.37 -9.90
C ARG A 74 3.55 4.71 -8.43
N SER A 75 4.35 5.59 -7.82
CA SER A 75 4.11 5.98 -6.45
C SER A 75 2.78 6.69 -6.30
N HIS A 76 2.50 7.64 -7.19
CA HIS A 76 1.25 8.36 -7.10
C HIS A 76 0.07 7.40 -7.20
N SER A 77 0.17 6.48 -8.15
CA SER A 77 -0.89 5.50 -8.36
C SER A 77 -1.17 4.70 -7.09
N ALA A 78 -0.12 4.19 -6.46
CA ALA A 78 -0.32 3.40 -5.24
C ALA A 78 -1.12 4.20 -4.22
N HIS A 79 -0.75 5.46 -4.01
CA HIS A 79 -1.41 6.27 -3.00
C HIS A 79 -2.84 6.63 -3.40
N PHE A 80 -3.09 6.95 -4.66
CA PHE A 80 -4.46 7.27 -5.08
C PHE A 80 -5.35 6.05 -5.06
N PHE A 81 -4.83 4.87 -5.40
CA PHE A 81 -5.61 3.66 -5.26
C PHE A 81 -5.98 3.40 -3.80
N GLU A 82 -5.05 3.59 -2.87
CA GLU A 82 -5.39 3.43 -1.45
C GLU A 82 -6.54 4.35 -1.06
N PHE A 83 -6.44 5.62 -1.47
CA PHE A 83 -7.44 6.60 -1.12
C PHE A 83 -8.81 6.21 -1.70
N LEU A 84 -8.85 5.95 -3.00
CA LEU A 84 -10.14 5.76 -3.68
C LEU A 84 -10.78 4.44 -3.41
N THR A 85 -10.01 3.36 -3.29
CA THR A 85 -10.62 2.08 -2.96
C THR A 85 -11.39 2.19 -1.66
N LYS A 86 -10.79 2.82 -0.65
CA LYS A 86 -11.47 2.94 0.64
C LYS A 86 -12.61 3.94 0.59
N GLU A 87 -12.42 5.11 -0.01
CA GLU A 87 -13.48 6.11 -0.06
C GLU A 87 -14.72 5.65 -0.81
N LEU A 88 -14.51 4.98 -1.94
CA LEU A 88 -15.60 4.60 -2.82
C LEU A 88 -16.08 3.19 -2.60
N ALA A 89 -15.41 2.46 -1.71
CA ALA A 89 -15.74 1.05 -1.45
C ALA A 89 -15.67 0.25 -2.75
N LEU A 90 -14.59 0.46 -3.50
CA LEU A 90 -14.34 -0.22 -4.77
C LEU A 90 -13.08 -1.06 -4.64
N GLY A 91 -13.09 -2.20 -5.30
CA GLY A 91 -11.90 -2.99 -5.47
C GLY A 91 -10.89 -2.34 -6.40
N GLN A 92 -9.64 -2.75 -6.26
CA GLN A 92 -8.57 -2.21 -7.11
C GLN A 92 -8.77 -2.51 -8.58
N ASP A 93 -9.55 -3.53 -8.90
CA ASP A 93 -9.88 -3.87 -10.28
C ASP A 93 -10.90 -2.93 -10.90
N ARG A 94 -11.47 -2.02 -10.13
CA ARG A 94 -12.58 -1.17 -10.57
C ARG A 94 -12.19 0.30 -10.68
N ILE A 95 -10.88 0.59 -10.66
CA ILE A 95 -10.37 1.96 -10.78
C ILE A 95 -9.23 1.95 -11.77
N LEU A 96 -9.18 2.97 -12.64
CA LEU A 96 -8.01 3.27 -13.44
C LEU A 96 -7.69 4.75 -13.35
N ILE A 97 -6.43 5.08 -13.58
CA ILE A 97 -5.94 6.45 -13.52
C ILE A 97 -5.24 6.76 -14.83
N ARG A 98 -5.39 8.00 -15.32
CA ARG A 98 -4.53 8.55 -16.37
C ARG A 98 -3.84 9.80 -15.87
N PHE A 99 -2.56 9.90 -16.21
CA PHE A 99 -1.68 11.01 -15.84
C PHE A 99 -1.33 11.85 -17.05
N PHE A 100 -1.50 13.17 -16.92
CA PHE A 100 -1.30 14.11 -18.01
C PHE A 100 -0.41 15.28 -17.55
N PRO A 101 0.86 15.30 -17.99
CA PRO A 101 1.67 16.48 -17.72
C PRO A 101 1.08 17.71 -18.40
N LEU A 102 1.16 18.84 -17.73
CA LEU A 102 0.81 20.13 -18.26
C LEU A 102 2.01 21.05 -18.20
N GLU A 103 2.02 22.03 -19.09
CA GLU A 103 2.99 23.12 -19.04
C GLU A 103 2.28 24.42 -18.69
N SER A 104 3.06 25.40 -18.22
CA SER A 104 2.47 26.61 -17.69
CA SER A 104 2.48 26.62 -17.68
C SER A 104 1.66 27.42 -18.70
N TRP A 105 2.04 27.33 -19.98
CA TRP A 105 1.34 28.07 -21.04
C TRP A 105 -0.03 27.48 -21.33
N GLN A 106 -0.31 26.30 -20.79
CA GLN A 106 -1.61 25.66 -20.95
C GLN A 106 -2.63 26.03 -19.89
N ILE A 107 -2.21 26.70 -18.83
CA ILE A 107 -3.10 26.94 -17.69
C ILE A 107 -3.48 28.40 -17.64
N GLY A 108 -4.75 28.66 -17.97
CA GLY A 108 -5.36 29.98 -17.87
C GLY A 108 -5.89 30.23 -16.49
N LYS A 109 -5.42 31.32 -15.89
CA LYS A 109 -5.84 31.67 -14.54
CA LYS A 109 -5.67 31.66 -14.49
C LYS A 109 -5.79 33.18 -14.46
N ILE A 110 -6.79 33.72 -13.75
CA ILE A 110 -6.96 35.15 -13.54
C ILE A 110 -6.74 35.96 -14.82
N GLY A 111 -7.29 35.46 -15.93
CA GLY A 111 -7.24 36.19 -17.17
C GLY A 111 -5.91 36.25 -17.90
N THR A 112 -4.96 35.43 -17.48
CA THR A 112 -3.68 35.29 -18.16
C THR A 112 -3.36 33.80 -18.19
N VAL A 113 -2.09 33.45 -18.40
CA VAL A 113 -1.63 32.07 -18.22
C VAL A 113 -0.50 32.05 -17.21
N MET A 114 -0.28 30.87 -16.67
CA MET A 114 0.69 30.67 -15.59
CA MET A 114 0.67 30.68 -15.59
C MET A 114 2.11 31.04 -15.99
N THR A 115 2.43 31.00 -17.27
CA THR A 115 3.74 31.40 -17.76
C THR A 115 4.13 32.77 -17.24
N PHE A 116 3.15 33.66 -17.08
CA PHE A 116 3.39 35.05 -16.71
C PHE A 116 3.10 35.35 -15.26
N LEU A 117 2.97 34.33 -14.43
CA LEU A 117 2.68 34.50 -13.02
C LEU A 117 3.76 33.95 -12.10
N PRO B 1 2.76 -12.68 0.21
CA PRO B 1 2.49 -13.88 -0.56
C PRO B 1 3.76 -14.59 -0.97
N PHE B 2 3.57 -15.84 -1.39
CA PHE B 2 4.65 -16.70 -1.80
C PHE B 2 4.46 -17.07 -3.27
N LEU B 3 5.40 -16.65 -4.11
CA LEU B 3 5.38 -16.99 -5.52
C LEU B 3 6.55 -17.90 -5.81
N GLU B 4 6.30 -18.98 -6.55
CA GLU B 4 7.34 -19.90 -6.97
CA GLU B 4 7.34 -19.91 -6.96
C GLU B 4 7.21 -20.11 -8.46
N LEU B 5 8.33 -19.98 -9.16
CA LEU B 5 8.36 -20.06 -10.61
C LEU B 5 9.38 -21.11 -11.02
N ASP B 6 8.91 -22.24 -11.52
CA ASP B 6 9.75 -23.28 -12.08
C ASP B 6 9.86 -23.04 -13.59
N THR B 7 11.06 -23.16 -14.16
CA THR B 7 11.20 -23.03 -15.61
C THR B 7 12.30 -23.92 -16.15
N ASN B 8 12.12 -24.37 -17.38
CA ASN B 8 13.16 -25.05 -18.12
C ASN B 8 14.01 -24.08 -18.94
N LEU B 9 13.73 -22.79 -18.87
CA LEU B 9 14.71 -21.83 -19.34
C LEU B 9 15.92 -21.95 -18.44
N PRO B 10 17.12 -22.05 -19.03
CA PRO B 10 18.33 -21.97 -18.23
C PRO B 10 18.39 -20.62 -17.54
N ALA B 11 19.17 -20.53 -16.47
CA ALA B 11 19.33 -19.28 -15.74
C ALA B 11 19.71 -18.13 -16.66
N ASN B 12 20.55 -18.40 -17.66
CA ASN B 12 20.97 -17.34 -18.55
C ASN B 12 19.95 -16.92 -19.60
N ARG B 13 18.75 -17.49 -19.55
CA ARG B 13 17.64 -17.04 -20.36
C ARG B 13 16.50 -16.51 -19.50
N VAL B 14 16.76 -16.31 -18.21
CA VAL B 14 15.82 -15.65 -17.32
C VAL B 14 16.41 -14.27 -17.06
N PRO B 15 15.69 -13.19 -17.42
CA PRO B 15 16.30 -11.88 -17.35
C PRO B 15 16.80 -11.51 -15.95
N ALA B 16 17.98 -10.91 -15.88
CA ALA B 16 18.52 -10.47 -14.61
C ALA B 16 17.51 -9.61 -13.90
N GLY B 17 17.38 -9.83 -12.60
CA GLY B 17 16.48 -9.06 -11.77
C GLY B 17 15.02 -9.45 -11.81
N LEU B 18 14.68 -10.55 -12.50
CA LEU B 18 13.29 -10.94 -12.57
C LEU B 18 12.65 -11.12 -11.19
N GLU B 19 13.34 -11.75 -10.27
CA GLU B 19 12.72 -12.02 -8.97
C GLU B 19 12.28 -10.71 -8.28
N LYS B 20 13.04 -9.64 -8.45
CA LYS B 20 12.66 -8.38 -7.87
CA LYS B 20 12.68 -8.34 -7.88
C LYS B 20 11.50 -7.69 -8.62
N ARG B 21 11.54 -7.74 -9.93
CA ARG B 21 10.44 -7.15 -10.69
C ARG B 21 9.15 -7.93 -10.46
N LEU B 22 9.24 -9.25 -10.30
CA LEU B 22 8.08 -10.06 -10.02
C LEU B 22 7.51 -9.74 -8.63
N CYS B 23 8.38 -9.42 -7.68
CA CYS B 23 7.92 -8.94 -6.34
CA CYS B 23 7.93 -9.03 -6.40
C CYS B 23 7.03 -7.74 -6.48
N ALA B 24 7.50 -6.73 -7.20
CA ALA B 24 6.72 -5.51 -7.36
C ALA B 24 5.42 -5.78 -8.10
N ALA B 25 5.48 -6.58 -9.15
CA ALA B 25 4.28 -6.86 -9.92
C ALA B 25 3.26 -7.60 -9.05
N ALA B 26 3.72 -8.61 -8.32
CA ALA B 26 2.83 -9.40 -7.48
C ALA B 26 2.20 -8.55 -6.39
N ALA B 27 2.97 -7.62 -5.83
CA ALA B 27 2.42 -6.72 -4.82
C ALA B 27 1.21 -5.97 -5.38
N SER B 28 1.38 -5.41 -6.57
CA SER B 28 0.31 -4.67 -7.20
C SER B 28 -0.86 -5.57 -7.59
N ILE B 29 -0.58 -6.70 -8.22
CA ILE B 29 -1.62 -7.58 -8.69
C ILE B 29 -2.47 -8.12 -7.54
N LEU B 30 -1.80 -8.56 -6.47
CA LEU B 30 -2.48 -9.21 -5.37
C LEU B 30 -2.93 -8.24 -4.29
N GLY B 31 -2.56 -6.97 -4.41
CA GLY B 31 -2.90 -6.00 -3.38
C GLY B 31 -2.21 -6.29 -2.06
N LYS B 32 -0.92 -6.57 -2.11
CA LYS B 32 -0.12 -6.96 -0.96
C LYS B 32 1.10 -6.06 -0.87
N PRO B 33 1.69 -5.94 0.33
CA PRO B 33 2.84 -5.05 0.46
C PRO B 33 4.10 -5.61 -0.23
N ALA B 34 4.76 -4.81 -1.07
CA ALA B 34 5.91 -5.31 -1.82
C ALA B 34 7.05 -5.77 -0.90
N ASP B 35 7.16 -5.12 0.27
CA ASP B 35 8.16 -5.50 1.24
C ASP B 35 7.81 -6.76 2.02
N ARG B 36 6.75 -7.46 1.60
CA ARG B 36 6.42 -8.76 2.15
C ARG B 36 6.27 -9.83 1.07
N VAL B 37 6.45 -9.49 -0.20
CA VAL B 37 6.30 -10.48 -1.23
C VAL B 37 7.53 -11.35 -1.29
N ASN B 38 7.30 -12.63 -1.50
CA ASN B 38 8.33 -13.64 -1.62
C ASN B 38 8.30 -14.23 -3.02
N VAL B 39 9.46 -14.34 -3.64
CA VAL B 39 9.58 -14.94 -4.97
C VAL B 39 10.72 -15.92 -4.96
N THR B 40 10.48 -17.11 -5.51
CA THR B 40 11.50 -18.13 -5.72
C THR B 40 11.46 -18.53 -7.17
N VAL B 41 12.60 -18.41 -7.86
CA VAL B 41 12.73 -18.85 -9.26
C VAL B 41 13.71 -20.02 -9.28
N ARG B 42 13.26 -21.10 -9.93
CA ARG B 42 14.03 -22.33 -10.07
C ARG B 42 14.20 -22.61 -11.56
N PRO B 43 15.33 -22.15 -12.14
CA PRO B 43 15.55 -22.31 -13.57
C PRO B 43 16.30 -23.60 -13.91
N GLY B 44 16.44 -23.86 -15.20
CA GLY B 44 17.25 -24.97 -15.66
C GLY B 44 16.66 -26.35 -15.40
N LEU B 45 15.37 -26.42 -15.11
CA LEU B 45 14.72 -27.68 -14.80
C LEU B 45 14.36 -28.44 -16.07
N ALA B 46 14.02 -29.71 -15.92
CA ALA B 46 13.52 -30.51 -17.04
C ALA B 46 12.02 -30.53 -16.95
N MET B 47 11.35 -29.91 -17.92
CA MET B 47 9.91 -29.73 -17.85
C MET B 47 9.22 -30.06 -19.15
N ALA B 48 8.02 -30.59 -18.99
CA ALA B 48 7.01 -30.62 -20.02
C ALA B 48 5.82 -29.82 -19.50
N LEU B 49 5.27 -28.97 -20.35
CA LEU B 49 4.05 -28.24 -20.04
C LEU B 49 3.11 -28.57 -21.17
N SER B 50 1.93 -29.06 -20.83
CA SER B 50 0.96 -29.52 -21.82
C SER B 50 1.62 -30.49 -22.81
N GLY B 51 2.39 -31.42 -22.26
CA GLY B 51 3.01 -32.46 -23.05
C GLY B 51 4.23 -32.09 -23.86
N SER B 52 4.66 -30.84 -23.82
CA SER B 52 5.74 -30.34 -24.68
C SER B 52 6.91 -29.85 -23.84
N THR B 53 8.13 -30.18 -24.26
CA THR B 53 9.33 -29.74 -23.56
C THR B 53 9.94 -28.44 -24.09
N GLU B 54 9.23 -27.74 -24.95
CA GLU B 54 9.63 -26.40 -25.35
C GLU B 54 9.69 -25.49 -24.12
N PRO B 55 10.40 -24.35 -24.21
CA PRO B 55 10.48 -23.47 -23.06
C PRO B 55 9.09 -23.16 -22.48
N CYS B 56 9.04 -23.16 -21.16
CA CYS B 56 7.80 -22.97 -20.41
C CYS B 56 8.11 -22.53 -19.00
N ALA B 57 7.05 -22.18 -18.27
CA ALA B 57 7.18 -21.84 -16.86
C ALA B 57 5.89 -22.16 -16.12
N GLN B 58 6.06 -22.54 -14.85
CA GLN B 58 4.96 -22.86 -13.95
C GLN B 58 5.04 -21.93 -12.74
N LEU B 59 4.00 -21.13 -12.55
CA LEU B 59 3.92 -20.21 -11.41
C LEU B 59 2.95 -20.76 -10.37
N SER B 60 3.34 -20.71 -9.10
CA SER B 60 2.46 -20.99 -7.99
C SER B 60 2.39 -19.76 -7.11
N ILE B 61 1.19 -19.42 -6.66
CA ILE B 61 0.94 -18.26 -5.82
C ILE B 61 0.15 -18.70 -4.60
N SER B 62 0.71 -18.46 -3.42
CA SER B 62 0.05 -18.82 -2.18
C SER B 62 -0.09 -17.57 -1.33
N SER B 63 -1.30 -17.31 -0.84
CA SER B 63 -1.56 -16.04 -0.19
C SER B 63 -2.79 -16.12 0.69
N ILE B 64 -2.81 -15.28 1.73
CA ILE B 64 -3.97 -15.12 2.58
C ILE B 64 -5.02 -14.24 1.90
N GLY B 65 -6.26 -14.72 1.87
CA GLY B 65 -7.41 -13.89 1.57
C GLY B 65 -7.75 -13.63 0.12
N VAL B 66 -6.74 -13.49 -0.75
CA VAL B 66 -6.96 -12.87 -2.05
C VAL B 66 -6.91 -13.81 -3.24
N VAL B 67 -6.59 -15.08 -3.03
CA VAL B 67 -6.50 -16.05 -4.14
C VAL B 67 -7.50 -17.20 -4.02
N GLY B 68 -8.66 -16.92 -3.43
CA GLY B 68 -9.63 -17.96 -3.13
C GLY B 68 -10.85 -18.02 -4.00
N THR B 69 -11.03 -17.11 -4.96
CA THR B 69 -12.22 -17.10 -5.81
C THR B 69 -11.83 -17.18 -7.27
N ALA B 70 -12.74 -17.71 -8.08
CA ALA B 70 -12.53 -17.74 -9.52
C ALA B 70 -12.41 -16.34 -10.10
N GLU B 71 -13.27 -15.43 -9.66
CA GLU B 71 -13.33 -14.13 -10.27
C GLU B 71 -12.07 -13.34 -9.96
N ASP B 72 -11.60 -13.43 -8.69
N ASP B 72 -11.55 -13.38 -8.78
CA ASP B 72 -10.30 -12.84 -8.19
CA ASP B 72 -10.37 -12.58 -8.64
C ASP B 72 -9.16 -13.40 -9.04
C ASP B 72 -9.11 -13.37 -9.08
N ASN B 73 -9.12 -14.72 -9.11
CA ASN B 73 -8.01 -15.40 -9.73
C ASN B 73 -7.99 -15.19 -11.24
N ARG B 74 -9.13 -15.02 -11.87
CA ARG B 74 -9.16 -14.63 -13.27
C ARG B 74 -8.42 -13.30 -13.46
N SER B 75 -8.71 -12.33 -12.61
CA SER B 75 -8.02 -11.05 -12.66
C SER B 75 -6.53 -11.21 -12.47
N HIS B 76 -6.14 -11.97 -11.44
CA HIS B 76 -4.72 -12.18 -11.18
C HIS B 76 -4.05 -12.83 -12.36
N SER B 77 -4.70 -13.86 -12.91
CA SER B 77 -4.13 -14.60 -14.02
C SER B 77 -3.85 -13.68 -15.21
N ALA B 78 -4.81 -12.84 -15.56
CA ALA B 78 -4.60 -11.97 -16.69
C ALA B 78 -3.33 -11.13 -16.47
N HIS B 79 -3.18 -10.54 -15.30
CA HIS B 79 -2.01 -9.71 -15.05
C HIS B 79 -0.72 -10.53 -15.02
N PHE B 80 -0.71 -11.69 -14.37
CA PHE B 80 0.53 -12.46 -14.33
C PHE B 80 0.93 -12.98 -15.69
N PHE B 81 -0.04 -13.38 -16.52
CA PHE B 81 0.29 -13.79 -17.88
C PHE B 81 0.88 -12.59 -18.66
N GLU B 82 0.27 -11.42 -18.58
CA GLU B 82 0.81 -10.25 -19.26
C GLU B 82 2.24 -9.96 -18.84
N PHE B 83 2.51 -10.06 -17.54
CA PHE B 83 3.81 -9.76 -17.02
C PHE B 83 4.86 -10.81 -17.48
N LEU B 84 4.54 -12.09 -17.29
CA LEU B 84 5.51 -13.15 -17.50
C LEU B 84 5.73 -13.49 -18.96
N THR B 85 4.70 -13.40 -19.79
CA THR B 85 4.92 -13.64 -21.22
C THR B 85 5.99 -12.70 -21.76
N LYS B 86 5.91 -11.43 -21.38
CA LYS B 86 6.86 -10.45 -21.86
C LYS B 86 8.22 -10.65 -21.23
N GLU B 87 8.28 -10.85 -19.91
CA GLU B 87 9.57 -10.99 -19.24
C GLU B 87 10.34 -12.21 -19.73
N LEU B 88 9.64 -13.34 -19.88
CA LEU B 88 10.28 -14.60 -20.23
C LEU B 88 10.32 -14.89 -21.72
N ALA B 89 9.69 -14.01 -22.52
CA ALA B 89 9.58 -14.19 -23.96
C ALA B 89 8.95 -15.55 -24.26
N LEU B 90 7.84 -15.82 -23.57
CA LEU B 90 7.06 -17.04 -23.74
C LEU B 90 5.67 -16.70 -24.24
N GLY B 91 5.13 -17.57 -25.09
CA GLY B 91 3.74 -17.46 -25.49
C GLY B 91 2.80 -17.85 -24.35
N GLN B 92 1.54 -17.43 -24.46
CA GLN B 92 0.54 -17.70 -23.42
C GLN B 92 0.31 -19.19 -23.20
N ASP B 93 0.59 -20.00 -24.21
CA ASP B 93 0.44 -21.43 -24.11
C ASP B 93 1.55 -22.11 -23.30
N ARG B 94 2.57 -21.35 -22.91
CA ARG B 94 3.75 -21.94 -22.28
C ARG B 94 3.88 -21.56 -20.80
N ILE B 95 2.81 -21.03 -20.21
CA ILE B 95 2.74 -20.69 -18.80
C ILE B 95 1.44 -21.24 -18.22
N LEU B 96 1.52 -21.76 -17.01
CA LEU B 96 0.32 -22.07 -16.21
C LEU B 96 0.55 -21.56 -14.81
N ILE B 97 -0.56 -21.31 -14.10
CA ILE B 97 -0.53 -20.81 -12.74
C ILE B 97 -1.37 -21.71 -11.84
N ARG B 98 -0.93 -21.91 -10.60
CA ARG B 98 -1.75 -22.47 -9.56
C ARG B 98 -1.85 -21.48 -8.41
N PHE B 99 -3.05 -21.39 -7.85
CA PHE B 99 -3.38 -20.50 -6.73
C PHE B 99 -3.74 -21.32 -5.50
N PHE B 100 -3.13 -20.97 -4.37
CA PHE B 100 -3.28 -21.68 -3.10
C PHE B 100 -3.59 -20.72 -1.97
N PRO B 101 -4.84 -20.70 -1.50
CA PRO B 101 -5.13 -19.94 -0.30
C PRO B 101 -4.34 -20.48 0.90
N LEU B 102 -3.88 -19.56 1.73
CA LEU B 102 -3.25 -19.86 3.01
C LEU B 102 -4.04 -19.17 4.12
N GLU B 103 -3.93 -19.73 5.31
CA GLU B 103 -4.43 -19.05 6.50
CA GLU B 103 -4.46 -19.17 6.56
C GLU B 103 -3.28 -18.70 7.42
N SER B 104 -3.56 -17.79 8.35
CA SER B 104 -2.53 -17.20 9.18
CA SER B 104 -2.49 -17.20 9.15
C SER B 104 -1.73 -18.20 10.02
N TRP B 105 -2.40 -19.27 10.45
CA TRP B 105 -1.76 -20.31 11.27
C TRP B 105 -0.78 -21.16 10.47
N GLN B 106 -0.78 -21.01 9.14
CA GLN B 106 0.12 -21.77 8.27
C GLN B 106 1.44 -21.08 8.01
N ILE B 107 1.61 -19.83 8.43
CA ILE B 107 2.79 -19.06 8.04
C ILE B 107 3.62 -18.75 9.28
N GLY B 108 4.84 -19.30 9.31
CA GLY B 108 5.80 -19.04 10.35
C GLY B 108 6.70 -17.87 10.02
N LYS B 109 6.76 -16.92 10.95
CA LYS B 109 7.49 -15.67 10.78
C LYS B 109 8.08 -15.33 12.16
N ILE B 110 9.34 -14.95 12.18
CA ILE B 110 10.09 -14.59 13.39
C ILE B 110 9.80 -15.51 14.56
N GLY B 111 9.80 -16.81 14.30
CA GLY B 111 9.70 -17.80 15.36
C GLY B 111 8.32 -18.01 15.95
N THR B 112 7.29 -17.42 15.34
CA THR B 112 5.92 -17.65 15.69
C THR B 112 5.14 -17.89 14.41
N VAL B 113 3.82 -17.73 14.46
CA VAL B 113 2.99 -17.78 13.25
C VAL B 113 2.18 -16.50 13.15
N MET B 114 1.68 -16.24 11.95
CA MET B 114 0.99 -14.98 11.64
CA MET B 114 1.04 -14.96 11.71
C MET B 114 -0.24 -14.75 12.49
N THR B 115 -0.86 -15.83 12.97
CA THR B 115 -2.02 -15.72 13.87
C THR B 115 -1.72 -14.78 15.03
N PHE B 116 -0.48 -14.78 15.51
CA PHE B 116 -0.07 -14.03 16.68
C PHE B 116 0.70 -12.76 16.35
N LEU B 117 0.61 -12.32 15.10
CA LEU B 117 1.31 -11.15 14.62
C LEU B 117 0.33 -10.12 14.07
N PRO C 1 10.31 -1.88 21.62
CA PRO C 1 10.03 -0.55 21.14
C PRO C 1 8.94 0.14 21.96
N PHE C 2 8.90 1.46 21.84
CA PHE C 2 7.92 2.31 22.50
C PHE C 2 7.02 2.93 21.45
N LEU C 3 5.74 2.63 21.51
CA LEU C 3 4.76 3.20 20.60
C LEU C 3 3.81 4.05 21.42
N GLU C 4 3.61 5.28 20.98
CA GLU C 4 2.72 6.21 21.64
CA GLU C 4 2.69 6.22 21.64
C GLU C 4 1.72 6.75 20.62
N LEU C 5 0.44 6.67 20.94
CA LEU C 5 -0.64 7.01 20.02
C LEU C 5 -1.55 8.04 20.67
N ASP C 6 -1.52 9.26 20.14
CA ASP C 6 -2.44 10.32 20.55
C ASP C 6 -3.60 10.34 19.55
N THR C 7 -4.83 10.47 20.05
CA THR C 7 -5.96 10.62 19.14
C THR C 7 -7.05 11.50 19.75
N ASN C 8 -7.78 12.17 18.86
CA ASN C 8 -8.97 12.92 19.24
C ASN C 8 -10.23 12.06 19.15
N LEU C 9 -10.10 10.80 18.76
CA LEU C 9 -11.19 9.88 18.96
C LEU C 9 -11.37 9.72 20.46
N PRO C 10 -12.62 9.79 20.95
CA PRO C 10 -12.87 9.47 22.35
C PRO C 10 -12.53 8.01 22.60
N ALA C 11 -12.29 7.66 23.86
CA ALA C 11 -11.99 6.29 24.22
C ALA C 11 -13.03 5.30 23.70
N ASN C 12 -14.31 5.70 23.69
CA ASN C 12 -15.34 4.79 23.23
C ASN C 12 -15.43 4.66 21.71
N ARG C 13 -14.50 5.29 20.97
CA ARG C 13 -14.34 5.05 19.53
C ARG C 13 -12.98 4.44 19.22
N VAL C 14 -12.27 3.98 20.25
CA VAL C 14 -11.02 3.25 20.08
C VAL C 14 -11.33 1.79 20.44
N PRO C 15 -11.14 0.86 19.51
CA PRO C 15 -11.61 -0.50 19.75
C PRO C 15 -10.94 -1.17 20.95
N ALA C 16 -11.73 -1.89 21.73
CA ALA C 16 -11.19 -2.67 22.84
C ALA C 16 -10.11 -3.63 22.34
N GLY C 17 -9.05 -3.78 23.12
CA GLY C 17 -7.98 -4.73 22.80
C GLY C 17 -6.92 -4.19 21.87
N LEU C 18 -7.01 -2.89 21.51
CA LEU C 18 -6.08 -2.30 20.55
CA LEU C 18 -6.08 -2.32 20.54
C LEU C 18 -4.64 -2.45 21.00
N GLU C 19 -4.37 -2.29 22.30
CA GLU C 19 -2.98 -2.29 22.77
C GLU C 19 -2.27 -3.59 22.45
N LYS C 20 -2.86 -4.74 22.79
CA LYS C 20 -2.20 -6.00 22.54
C LYS C 20 -2.16 -6.29 21.05
N ARG C 21 -3.17 -5.86 20.29
CA ARG C 21 -3.09 -6.07 18.87
C ARG C 21 -1.96 -5.25 18.26
N LEU C 22 -1.74 -4.04 18.78
CA LEU C 22 -0.64 -3.20 18.31
C LEU C 22 0.72 -3.77 18.73
N CYS C 23 0.80 -4.39 19.91
CA CYS C 23 2.03 -5.10 20.28
C CYS C 23 2.36 -6.19 19.26
N ALA C 24 1.35 -6.96 18.87
CA ALA C 24 1.53 -8.05 17.92
C ALA C 24 1.93 -7.49 16.53
N ALA C 25 1.26 -6.44 16.11
CA ALA C 25 1.59 -5.80 14.84
C ALA C 25 3.02 -5.26 14.84
N ALA C 26 3.38 -4.59 15.92
CA ALA C 26 4.72 -4.04 16.03
C ALA C 26 5.78 -5.13 16.01
N ALA C 27 5.48 -6.28 16.60
CA ALA C 27 6.39 -7.42 16.52
C ALA C 27 6.64 -7.82 15.09
N SER C 28 5.55 -7.96 14.33
CA SER C 28 5.64 -8.33 12.94
C SER C 28 6.45 -7.32 12.13
N ILE C 29 6.22 -6.05 12.38
CA ILE C 29 6.74 -4.98 11.56
C ILE C 29 8.20 -4.69 11.89
N LEU C 30 8.48 -4.54 13.19
CA LEU C 30 9.79 -4.12 13.65
C LEU C 30 10.70 -5.31 13.98
N GLY C 31 10.12 -6.48 14.17
CA GLY C 31 10.90 -7.70 14.43
C GLY C 31 11.19 -8.07 15.89
N LYS C 32 10.67 -7.28 16.81
N LYS C 32 10.86 -7.22 16.87
CA LYS C 32 10.86 -7.55 18.20
CA LYS C 32 11.10 -7.54 18.30
C LYS C 32 9.76 -8.52 18.65
C LYS C 32 9.83 -8.16 18.92
N PRO C 33 9.98 -9.20 19.78
CA PRO C 33 8.84 -9.97 20.28
C PRO C 33 7.76 -9.09 20.88
N ALA C 34 6.52 -9.51 20.72
CA ALA C 34 5.38 -8.77 21.23
C ALA C 34 5.49 -8.53 22.73
N ASP C 35 6.08 -9.49 23.44
CA ASP C 35 6.21 -9.39 24.90
C ASP C 35 7.31 -8.43 25.33
N ARG C 36 7.93 -7.74 24.37
CA ARG C 36 8.85 -6.65 24.65
CA ARG C 36 8.85 -6.65 24.65
C ARG C 36 8.31 -5.30 24.16
N VAL C 37 7.15 -5.27 23.51
CA VAL C 37 6.64 -4.04 22.94
C VAL C 37 5.84 -3.28 24.01
N ASN C 38 5.97 -1.95 23.94
CA ASN C 38 5.29 -1.02 24.83
C ASN C 38 4.39 -0.14 24.00
N VAL C 39 3.14 0.01 24.45
CA VAL C 39 2.15 0.83 23.77
C VAL C 39 1.48 1.76 24.79
N THR C 40 1.33 3.03 24.42
CA THR C 40 0.58 4.00 25.20
C THR C 40 -0.41 4.67 24.28
N VAL C 41 -1.70 4.61 24.62
CA VAL C 41 -2.76 5.26 23.86
C VAL C 41 -3.35 6.35 24.74
N ARG C 42 -3.46 7.54 24.18
CA ARG C 42 -4.00 8.73 24.85
C ARG C 42 -5.17 9.23 23.99
N PRO C 43 -6.39 8.79 24.32
CA PRO C 43 -7.57 9.18 23.54
C PRO C 43 -8.22 10.43 24.09
N GLY C 44 -9.23 10.91 23.37
CA GLY C 44 -10.03 12.04 23.82
C GLY C 44 -9.33 13.37 23.83
N LEU C 45 -8.22 13.49 23.09
CA LEU C 45 -7.44 14.72 23.08
C LEU C 45 -8.06 15.71 22.10
N ALA C 46 -7.60 16.95 22.16
CA ALA C 46 -8.03 17.98 21.22
C ALA C 46 -6.92 18.12 20.18
N MET C 47 -7.20 17.77 18.93
CA MET C 47 -6.17 17.68 17.92
C MET C 47 -6.58 18.32 16.61
N ALA C 48 -5.60 18.90 15.93
CA ALA C 48 -5.68 19.22 14.52
C ALA C 48 -4.54 18.48 13.83
N LEU C 49 -4.83 17.95 12.64
CA LEU C 49 -3.81 17.33 11.81
C LEU C 49 -3.99 17.97 10.44
N SER C 50 -2.93 18.51 9.88
CA SER C 50 -3.00 19.27 8.63
C SER C 50 -4.13 20.30 8.73
N GLY C 51 -4.14 21.03 9.85
CA GLY C 51 -5.07 22.12 10.06
C GLY C 51 -6.50 21.76 10.38
N SER C 52 -6.84 20.47 10.36
CA SER C 52 -8.22 20.02 10.49
C SER C 52 -8.44 19.26 11.80
N THR C 53 -9.56 19.53 12.46
CA THR C 53 -9.90 18.85 13.71
C THR C 53 -10.79 17.63 13.52
N GLU C 54 -10.95 17.16 12.28
CA GLU C 54 -11.60 15.88 12.06
C GLU C 54 -10.83 14.77 12.77
N PRO C 55 -11.45 13.61 12.98
CA PRO C 55 -10.74 12.53 13.66
C PRO C 55 -9.39 12.25 13.02
N CYS C 56 -8.40 12.02 13.87
CA CYS C 56 -7.03 11.80 13.45
C CYS C 56 -6.26 11.09 14.54
N ALA C 57 -5.03 10.71 14.22
CA ALA C 57 -4.15 10.09 15.19
C ALA C 57 -2.70 10.37 14.86
N GLN C 58 -1.89 10.46 15.92
CA GLN C 58 -0.43 10.70 15.85
CA GLN C 58 -0.45 10.60 15.78
C GLN C 58 0.26 9.52 16.52
N LEU C 59 1.11 8.78 15.81
CA LEU C 59 1.88 7.67 16.37
C LEU C 59 3.33 8.08 16.44
N SER C 60 3.97 7.78 17.56
CA SER C 60 5.43 7.90 17.69
C SER C 60 5.99 6.53 17.98
N ILE C 61 7.09 6.21 17.32
CA ILE C 61 7.73 4.90 17.44
C ILE C 61 9.19 5.11 17.75
N SER C 62 9.64 4.62 18.90
CA SER C 62 11.01 4.80 19.35
C SER C 62 11.61 3.41 19.56
N SER C 63 12.76 3.17 18.96
CA SER C 63 13.32 1.84 19.06
C SER C 63 14.81 1.86 18.79
N ILE C 64 15.52 0.88 19.35
CA ILE C 64 16.93 0.67 19.05
C ILE C 64 17.10 0.00 17.66
N GLY C 65 17.92 0.60 16.81
CA GLY C 65 18.43 -0.05 15.61
C GLY C 65 17.57 -0.05 14.35
N VAL C 66 16.26 -0.13 14.50
CA VAL C 66 15.40 -0.50 13.36
C VAL C 66 14.57 0.64 12.77
N VAL C 67 14.63 1.84 13.35
CA VAL C 67 13.83 2.97 12.83
C VAL C 67 14.71 4.16 12.42
N GLY C 68 15.90 3.87 11.93
CA GLY C 68 16.91 4.89 11.67
C GLY C 68 17.15 5.29 10.23
N THR C 69 16.49 4.63 9.28
CA THR C 69 16.72 4.92 7.86
C THR C 69 15.41 5.20 7.14
N ALA C 70 15.50 5.95 6.04
CA ALA C 70 14.32 6.20 5.21
C ALA C 70 13.73 4.91 4.64
N GLU C 71 14.58 4.00 4.18
CA GLU C 71 14.08 2.79 3.55
C GLU C 71 13.37 1.87 4.56
N ASP C 72 13.95 1.75 5.76
CA ASP C 72 13.32 1.01 6.86
C ASP C 72 11.99 1.62 7.18
N ASN C 73 12.02 2.93 7.39
CA ASN C 73 10.85 3.61 7.87
C ASN C 73 9.73 3.68 6.84
N ARG C 74 10.07 3.73 5.57
CA ARG C 74 9.05 3.67 4.53
C ARG C 74 8.25 2.37 4.67
N SER C 75 8.96 1.29 4.86
CA SER C 75 8.33 -0.01 5.09
CA SER C 75 8.35 0.00 5.07
C SER C 75 7.50 -0.03 6.37
N HIS C 76 8.09 0.39 7.48
CA HIS C 76 7.35 0.38 8.73
C HIS C 76 6.10 1.22 8.63
N SER C 77 6.24 2.39 8.02
CA SER C 77 5.12 3.29 7.87
C SER C 77 3.95 2.64 7.13
N ALA C 78 4.24 2.00 6.02
CA ALA C 78 3.17 1.36 5.26
C ALA C 78 2.35 0.43 6.16
N HIS C 79 3.04 -0.38 6.94
CA HIS C 79 2.36 -1.38 7.76
C HIS C 79 1.64 -0.79 8.96
N PHE C 80 2.22 0.21 9.62
CA PHE C 80 1.53 0.87 10.72
C PHE C 80 0.32 1.67 10.24
N PHE C 81 0.43 2.30 9.08
CA PHE C 81 -0.74 2.97 8.49
C PHE C 81 -1.84 1.96 8.21
N GLU C 82 -1.51 0.82 7.62
CA GLU C 82 -2.53 -0.18 7.32
CA GLU C 82 -2.54 -0.17 7.32
C GLU C 82 -3.24 -0.63 8.61
N PHE C 83 -2.46 -0.87 9.65
CA PHE C 83 -3.01 -1.32 10.92
C PHE C 83 -3.94 -0.26 11.52
N LEU C 84 -3.49 0.98 11.57
CA LEU C 84 -4.24 2.03 12.22
C LEU C 84 -5.46 2.47 11.44
N THR C 85 -5.36 2.53 10.12
CA THR C 85 -6.54 2.91 9.35
C THR C 85 -7.66 1.91 9.60
N LYS C 86 -7.33 0.62 9.62
CA LYS C 86 -8.38 -0.37 9.86
CA LYS C 86 -8.31 -0.44 9.89
C LYS C 86 -8.88 -0.34 11.29
N GLU C 87 -8.01 -0.27 12.29
CA GLU C 87 -8.45 -0.26 13.68
C GLU C 87 -9.26 0.97 14.01
N LEU C 88 -8.83 2.14 13.55
CA LEU C 88 -9.43 3.40 13.96
C LEU C 88 -10.42 3.96 12.97
N ALA C 89 -10.58 3.28 11.84
CA ALA C 89 -11.52 3.72 10.80
C ALA C 89 -11.18 5.13 10.31
N LEU C 90 -9.89 5.35 10.05
CA LEU C 90 -9.35 6.63 9.58
C LEU C 90 -8.77 6.45 8.19
N GLY C 91 -8.86 7.49 7.36
CA GLY C 91 -8.14 7.52 6.10
C GLY C 91 -6.66 7.82 6.33
N GLN C 92 -5.83 7.51 5.34
CA GLN C 92 -4.40 7.69 5.50
C GLN C 92 -3.98 9.13 5.66
N ASP C 93 -4.78 10.09 5.21
CA ASP C 93 -4.50 11.51 5.43
CA ASP C 93 -4.36 11.49 5.44
C ASP C 93 -4.66 11.97 6.87
N ARG C 94 -5.24 11.10 7.71
CA ARG C 94 -5.58 11.48 9.08
C ARG C 94 -4.69 10.83 10.12
N ILE C 95 -3.55 10.29 9.70
CA ILE C 95 -2.55 9.70 10.58
C ILE C 95 -1.20 10.24 10.19
N LEU C 96 -0.34 10.54 11.17
CA LEU C 96 1.07 10.79 10.93
C LEU C 96 1.87 9.97 11.94
N ILE C 97 3.10 9.61 11.56
CA ILE C 97 4.02 8.86 12.40
C ILE C 97 5.32 9.64 12.51
N ARG C 98 5.94 9.60 13.70
CA ARG C 98 7.31 10.02 13.87
C ARG C 98 8.13 8.85 14.42
N PHE C 99 9.32 8.67 13.86
CA PHE C 99 10.25 7.62 14.21
C PHE C 99 11.46 8.22 14.92
N PHE C 100 11.80 7.61 16.06
CA PHE C 100 12.90 8.08 16.92
C PHE C 100 13.84 6.96 17.31
N PRO C 101 15.03 6.93 16.72
CA PRO C 101 16.04 5.98 17.19
C PRO C 101 16.42 6.22 18.64
N LEU C 102 16.60 5.14 19.39
CA LEU C 102 17.09 5.17 20.75
C LEU C 102 18.38 4.37 20.85
N GLU C 103 19.17 4.67 21.88
CA GLU C 103 20.31 3.82 22.21
CA GLU C 103 20.37 3.92 22.25
C GLU C 103 20.16 3.25 23.61
N SER C 104 20.90 2.18 23.89
CA SER C 104 20.67 1.39 25.10
CA SER C 104 20.69 1.39 25.10
C SER C 104 20.88 2.18 26.39
N TRP C 105 21.77 3.18 26.36
CA TRP C 105 22.06 4.00 27.54
C TRP C 105 20.92 4.94 27.89
N GLN C 106 19.95 5.08 26.97
CA GLN C 106 18.77 5.91 27.19
C GLN C 106 17.63 5.19 27.82
N ILE C 107 17.68 3.86 27.94
CA ILE C 107 16.51 3.11 28.38
C ILE C 107 16.76 2.56 29.77
N GLY C 108 16.02 3.10 30.73
CA GLY C 108 16.03 2.61 32.11
C GLY C 108 15.06 1.45 32.26
N LYS C 109 15.60 0.34 32.75
CA LYS C 109 14.92 -0.93 32.84
C LYS C 109 15.38 -1.58 34.13
N ILE C 110 14.43 -2.06 34.92
CA ILE C 110 14.67 -2.69 36.25
C ILE C 110 15.76 -1.99 37.06
N GLY C 111 15.70 -0.66 37.09
CA GLY C 111 16.56 0.09 37.98
C GLY C 111 18.00 0.22 37.50
N THR C 112 18.25 -0.12 36.24
CA THR C 112 19.53 0.14 35.61
C THR C 112 19.24 0.70 34.22
N VAL C 113 20.19 0.61 33.29
CA VAL C 113 19.91 0.90 31.89
C VAL C 113 20.26 -0.32 31.06
N MET C 114 19.71 -0.37 29.85
CA MET C 114 19.85 -1.55 29.01
CA MET C 114 19.85 -1.52 28.95
C MET C 114 21.30 -1.85 28.62
N THR C 115 22.17 -0.85 28.66
CA THR C 115 23.60 -1.04 28.44
C THR C 115 24.15 -2.19 29.32
N PHE C 116 23.59 -2.35 30.52
CA PHE C 116 24.10 -3.29 31.51
C PHE C 116 23.25 -4.55 31.67
N LEU C 117 22.37 -4.81 30.71
CA LEU C 117 21.52 -6.01 30.72
C LEU C 117 21.69 -6.83 29.47
#